data_6HWP
#
_entry.id   6HWP
#
_cell.length_a   66.910
_cell.length_b   89.000
_cell.length_c   143.560
_cell.angle_alpha   90.000
_cell.angle_beta   90.000
_cell.angle_gamma   90.000
#
_symmetry.space_group_name_H-M   'C 2 2 21'
#
loop_
_entity.id
_entity.type
_entity.pdbx_description
1 polymer A3_bGFPD
2 non-polymer 'MALONATE ION'
3 non-polymer 'SODIUM ION'
#
_entity_poly.entity_id   1
_entity_poly.type   'polypeptide(L)'
_entity_poly.pdbx_seq_one_letter_code
;MRGSHHHHHHTENLYFQGAADPEKVEMYIKNLQDDSYYVRRAAAYALGKIGDERAVEPLIKALKDEDAWVRRAAADALGQ
IGDERAVEPLIKALKDEDGWVRQSAAVALGQIGDERAVEPLIKALKDEDWFVRIAAAFALGEIGDERAVEPLIKALKDED
GWVRQSAADALGEIGGERVRAAMEKLAETGTGFARKVAVNYLETHKSLISGGGGSGGGGDPEKVEMYIKNLQDDSMPVRY
DAADALGKIGDERAVEPLIKALKDEDPNVRASAADALGKIGDERAVEPLIKALKDEDGYVRFSAALALGKIGDERAVEPL
IKALKDEDSRVRWSAAYALGQIGDERAVEPLIKALKDEDWQVRKAAAVALGKIGGERVRAAMEKLAETGTGFARKVAVNY
LETHKSLIS
;
_entity_poly.pdbx_strand_id   A
#
# COMPACT_ATOMS: atom_id res chain seq x y z
N GLU A 23 -8.36 10.62 15.58
CA GLU A 23 -9.74 11.10 15.63
C GLU A 23 -9.95 12.24 14.64
N LYS A 24 -8.87 12.69 13.99
CA LYS A 24 -9.01 13.59 12.87
C LYS A 24 -9.32 12.82 11.58
N VAL A 25 -8.91 11.56 11.52
CA VAL A 25 -8.92 10.81 10.27
C VAL A 25 -10.34 10.49 9.84
N GLU A 26 -11.19 10.10 10.81
CA GLU A 26 -12.48 9.50 10.48
C GLU A 26 -13.44 10.50 9.86
N MET A 27 -13.40 11.77 10.27
CA MET A 27 -14.26 12.76 9.64
C MET A 27 -13.85 12.97 8.18
N TYR A 28 -12.55 12.93 7.90
CA TYR A 28 -12.09 12.94 6.52
C TYR A 28 -12.59 11.72 5.76
N ILE A 29 -12.64 10.57 6.44
CA ILE A 29 -13.11 9.34 5.78
C ILE A 29 -14.60 9.45 5.48
N LYS A 30 -15.39 9.94 6.45
CA LYS A 30 -16.80 10.18 6.19
C LYS A 30 -16.99 11.22 5.10
N ASN A 31 -16.23 12.32 5.16
CA ASN A 31 -16.39 13.40 4.20
C ASN A 31 -15.95 13.01 2.79
N LEU A 32 -15.38 11.83 2.60
CA LEU A 32 -15.00 11.39 1.27
C LEU A 32 -16.22 11.09 0.41
N GLN A 33 -17.35 10.74 1.03
CA GLN A 33 -18.58 10.43 0.31
C GLN A 33 -19.59 11.56 0.37
N ASP A 34 -19.18 12.74 0.83
CA ASP A 34 -20.12 13.86 0.94
C ASP A 34 -20.59 14.33 -0.44
N ASP A 35 -21.79 14.91 -0.47
CA ASP A 35 -22.37 15.34 -1.73
C ASP A 35 -21.55 16.44 -2.38
N SER A 36 -21.04 17.38 -1.58
CA SER A 36 -20.30 18.51 -2.13
C SER A 36 -18.93 18.08 -2.61
N TYR A 37 -18.54 18.56 -3.80
CA TYR A 37 -17.24 18.20 -4.35
C TYR A 37 -16.10 18.92 -3.65
N TYR A 38 -16.38 20.03 -2.97
CA TYR A 38 -15.33 20.79 -2.32
C TYR A 38 -14.89 20.14 -1.02
N VAL A 39 -15.83 19.59 -0.26
CA VAL A 39 -15.47 18.93 0.99
C VAL A 39 -14.78 17.59 0.72
N ARG A 40 -15.11 16.94 -0.42
CA ARG A 40 -14.37 15.76 -0.83
C ARG A 40 -12.90 16.09 -1.07
N ARG A 41 -12.66 17.20 -1.76
CA ARG A 41 -11.29 17.65 -2.03
C ARG A 41 -10.52 17.88 -0.73
N ALA A 42 -11.15 18.54 0.24
CA ALA A 42 -10.47 18.82 1.50
C ALA A 42 -10.16 17.54 2.28
N ALA A 43 -11.03 16.53 2.17
CA ALA A 43 -10.77 15.27 2.84
C ALA A 43 -9.61 14.53 2.17
N ALA A 44 -9.69 14.35 0.84
CA ALA A 44 -8.60 13.70 0.11
C ALA A 44 -7.29 14.46 0.28
N TYR A 45 -7.36 15.79 0.30
CA TYR A 45 -6.17 16.60 0.55
C TYR A 45 -5.56 16.28 1.91
N ALA A 46 -6.40 16.23 2.95
CA ALA A 46 -5.89 16.01 4.30
C ALA A 46 -5.50 14.56 4.54
N LEU A 47 -6.20 13.61 3.91
CA LEU A 47 -5.79 12.21 4.02
C LEU A 47 -4.47 11.94 3.32
N GLY A 48 -4.07 12.78 2.37
CA GLY A 48 -2.75 12.69 1.81
C GLY A 48 -1.67 13.10 2.80
N LYS A 49 -2.01 13.96 3.75
CA LYS A 49 -1.07 14.37 4.78
C LYS A 49 -1.09 13.46 6.00
N ILE A 50 -2.28 12.99 6.39
CA ILE A 50 -2.49 12.37 7.68
C ILE A 50 -2.82 10.89 7.56
N GLY A 51 -3.63 10.52 6.56
CA GLY A 51 -4.19 9.18 6.43
C GLY A 51 -3.21 8.04 6.57
N ASP A 52 -3.72 6.89 6.99
CA ASP A 52 -2.91 5.68 7.12
C ASP A 52 -3.64 4.56 6.37
N GLU A 53 -3.36 3.31 6.77
CA GLU A 53 -3.95 2.16 6.10
C GLU A 53 -5.46 2.08 6.29
N ARG A 54 -6.01 2.75 7.30
CA ARG A 54 -7.45 2.77 7.50
C ARG A 54 -8.19 3.40 6.32
N ALA A 55 -7.50 4.19 5.51
CA ALA A 55 -8.15 5.08 4.56
C ALA A 55 -7.98 4.69 3.10
N VAL A 56 -7.38 3.52 2.81
CA VAL A 56 -7.16 3.21 1.40
C VAL A 56 -8.42 2.64 0.76
N GLU A 57 -9.19 1.84 1.51
CA GLU A 57 -10.47 1.37 0.97
C GLU A 57 -11.41 2.52 0.65
N PRO A 58 -11.58 3.54 1.49
CA PRO A 58 -12.36 4.71 1.05
C PRO A 58 -11.67 5.52 -0.03
N LEU A 59 -10.34 5.67 0.03
CA LEU A 59 -9.64 6.44 -0.99
C LEU A 59 -9.62 5.71 -2.33
N ILE A 60 -9.68 4.37 -2.31
CA ILE A 60 -9.81 3.63 -3.56
C ILE A 60 -11.15 3.94 -4.22
N LYS A 61 -12.21 4.08 -3.42
CA LYS A 61 -13.49 4.51 -3.96
C LYS A 61 -13.42 5.94 -4.45
N ALA A 62 -12.71 6.81 -3.72
CA ALA A 62 -12.54 8.20 -4.15
C ALA A 62 -11.86 8.30 -5.51
N LEU A 63 -11.13 7.25 -5.92
CA LEU A 63 -10.53 7.24 -7.25
C LEU A 63 -11.58 7.19 -8.36
N LYS A 64 -12.81 6.82 -8.04
CA LYS A 64 -13.91 6.78 -9.01
C LYS A 64 -14.73 8.06 -9.01
N ASP A 65 -14.22 9.12 -8.41
CA ASP A 65 -14.98 10.34 -8.18
C ASP A 65 -15.36 11.02 -9.49
N GLU A 66 -16.31 11.95 -9.38
CA GLU A 66 -16.65 12.82 -10.50
C GLU A 66 -15.62 13.93 -10.68
N ASP A 67 -15.18 14.53 -9.56
CA ASP A 67 -14.24 15.63 -9.59
C ASP A 67 -12.83 15.10 -9.86
N ALA A 68 -12.19 15.61 -10.90
CA ALA A 68 -10.82 15.20 -11.20
C ALA A 68 -9.86 15.60 -10.09
N TRP A 69 -10.13 16.73 -9.42
CA TRP A 69 -9.29 17.13 -8.30
C TRP A 69 -9.36 16.12 -7.17
N VAL A 70 -10.54 15.55 -6.93
CA VAL A 70 -10.67 14.52 -5.91
C VAL A 70 -9.90 13.26 -6.32
N ARG A 71 -10.11 12.80 -7.56
CA ARG A 71 -9.40 11.62 -8.05
C ARG A 71 -7.90 11.80 -7.99
N ARG A 72 -7.41 12.99 -8.36
CA ARG A 72 -5.98 13.26 -8.34
C ARG A 72 -5.43 13.18 -6.92
N ALA A 73 -6.03 13.93 -5.99
CA ALA A 73 -5.56 13.93 -4.61
C ALA A 73 -5.69 12.56 -3.97
N ALA A 74 -6.63 11.73 -4.45
CA ALA A 74 -6.77 10.39 -3.92
C ALA A 74 -5.59 9.50 -4.32
N ALA A 75 -5.24 9.49 -5.60
CA ALA A 75 -4.05 8.77 -6.04
C ALA A 75 -2.81 9.30 -5.35
N ASP A 76 -2.74 10.63 -5.16
CA ASP A 76 -1.66 11.24 -4.41
C ASP A 76 -1.55 10.64 -3.01
N ALA A 77 -2.69 10.37 -2.38
CA ALA A 77 -2.69 9.85 -1.01
C ALA A 77 -2.42 8.36 -0.96
N LEU A 78 -2.92 7.60 -1.94
CA LEU A 78 -2.74 6.15 -1.91
C LEU A 78 -1.28 5.77 -2.11
N GLY A 79 -0.55 6.53 -2.93
CA GLY A 79 0.88 6.29 -3.07
C GLY A 79 1.65 6.71 -1.83
N GLN A 80 1.21 7.79 -1.19
CA GLN A 80 1.84 8.22 0.06
C GLN A 80 1.60 7.21 1.18
N ILE A 81 0.45 6.54 1.17
CA ILE A 81 0.19 5.50 2.16
C ILE A 81 0.97 4.23 1.82
N GLY A 82 1.08 3.90 0.53
CA GLY A 82 1.90 2.79 0.10
C GLY A 82 1.33 1.41 0.39
N ASP A 83 0.02 1.25 0.21
CA ASP A 83 -0.65 -0.03 0.47
C ASP A 83 -0.89 -0.76 -0.85
N GLU A 84 -0.51 -2.04 -0.89
CA GLU A 84 -0.52 -2.80 -2.14
C GLU A 84 -1.91 -3.03 -2.70
N ARG A 85 -2.97 -2.73 -1.97
CA ARG A 85 -4.31 -2.91 -2.53
C ARG A 85 -4.73 -1.78 -3.45
N ALA A 86 -3.98 -0.68 -3.49
CA ALA A 86 -4.26 0.41 -4.41
C ALA A 86 -3.75 0.14 -5.81
N VAL A 87 -3.08 -0.99 -6.04
CA VAL A 87 -2.35 -1.21 -7.29
C VAL A 87 -3.29 -1.41 -8.46
N GLU A 88 -4.15 -2.43 -8.39
CA GLU A 88 -5.11 -2.64 -9.45
C GLU A 88 -6.04 -1.45 -9.68
N PRO A 89 -6.50 -0.73 -8.65
CA PRO A 89 -7.23 0.53 -8.94
C PRO A 89 -6.39 1.57 -9.64
N LEU A 90 -5.19 1.86 -9.14
CA LEU A 90 -4.35 2.89 -9.73
C LEU A 90 -3.92 2.56 -11.14
N ILE A 91 -3.90 1.27 -11.51
CA ILE A 91 -3.53 0.90 -12.87
C ILE A 91 -4.64 1.30 -13.84
N LYS A 92 -5.90 1.22 -13.41
CA LYS A 92 -6.99 1.72 -14.25
C LYS A 92 -7.04 3.23 -14.21
N ALA A 93 -6.61 3.85 -13.11
CA ALA A 93 -6.46 5.30 -13.06
C ALA A 93 -5.40 5.79 -14.03
N LEU A 94 -4.47 4.92 -14.44
CA LEU A 94 -3.53 5.26 -15.51
C LEU A 94 -4.25 5.51 -16.83
N LYS A 95 -5.49 5.03 -16.97
CA LYS A 95 -6.29 5.25 -18.15
C LYS A 95 -7.36 6.32 -17.94
N ASP A 96 -7.17 7.19 -16.96
CA ASP A 96 -8.14 8.25 -16.68
C ASP A 96 -8.14 9.28 -17.81
N GLU A 97 -9.24 10.03 -17.90
CA GLU A 97 -9.38 11.04 -18.94
C GLU A 97 -8.57 12.30 -18.64
N ASP A 98 -8.28 12.58 -17.38
CA ASP A 98 -7.47 13.73 -17.01
C ASP A 98 -6.00 13.34 -16.96
N GLY A 99 -5.16 14.14 -17.62
CA GLY A 99 -3.73 13.85 -17.63
C GLY A 99 -3.11 13.96 -16.25
N TRP A 100 -3.50 14.97 -15.48
CA TRP A 100 -2.92 15.14 -14.15
C TRP A 100 -3.40 14.08 -13.17
N VAL A 101 -4.47 13.35 -13.51
CA VAL A 101 -4.86 12.19 -12.71
C VAL A 101 -4.01 10.98 -13.08
N ARG A 102 -3.73 10.79 -14.38
CA ARG A 102 -2.88 9.68 -14.79
C ARG A 102 -1.46 9.83 -14.25
N GLN A 103 -0.98 11.06 -14.14
CA GLN A 103 0.36 11.26 -13.59
C GLN A 103 0.40 11.01 -12.09
N SER A 104 -0.69 11.31 -11.38
CA SER A 104 -0.74 11.04 -9.95
C SER A 104 -0.81 9.54 -9.68
N ALA A 105 -1.46 8.79 -10.56
CA ALA A 105 -1.48 7.33 -10.43
C ALA A 105 -0.14 6.71 -10.82
N ALA A 106 0.56 7.31 -11.79
CA ALA A 106 1.88 6.82 -12.15
C ALA A 106 2.85 6.97 -10.98
N VAL A 107 2.93 8.18 -10.41
CA VAL A 107 3.81 8.41 -9.27
C VAL A 107 3.41 7.53 -8.09
N ALA A 108 2.10 7.35 -7.88
CA ALA A 108 1.63 6.55 -6.77
C ALA A 108 2.06 5.10 -6.90
N LEU A 109 1.91 4.52 -8.10
CA LEU A 109 2.38 3.16 -8.32
C LEU A 109 3.89 3.06 -8.21
N GLY A 110 4.61 4.15 -8.51
CA GLY A 110 6.04 4.16 -8.28
C GLY A 110 6.38 4.14 -6.80
N GLN A 111 5.57 4.81 -5.98
CA GLN A 111 5.83 4.83 -4.54
C GLN A 111 5.48 3.50 -3.89
N ILE A 112 4.57 2.74 -4.48
CA ILE A 112 4.19 1.45 -3.89
C ILE A 112 5.21 0.37 -4.28
N GLY A 113 5.84 0.49 -5.44
CA GLY A 113 6.87 -0.44 -5.83
C GLY A 113 6.40 -1.82 -6.20
N ASP A 114 5.14 -1.95 -6.63
CA ASP A 114 4.58 -3.24 -7.00
C ASP A 114 4.86 -3.53 -8.47
N GLU A 115 5.45 -4.69 -8.74
CA GLU A 115 5.87 -5.05 -10.09
C GLU A 115 4.71 -5.18 -11.08
N ARG A 116 3.47 -5.28 -10.60
CA ARG A 116 2.34 -5.39 -11.51
C ARG A 116 2.09 -4.11 -12.29
N ALA A 117 2.60 -2.98 -11.81
CA ALA A 117 2.42 -1.71 -12.52
C ALA A 117 3.40 -1.55 -13.66
N VAL A 118 4.38 -2.44 -13.81
CA VAL A 118 5.47 -2.22 -14.77
C VAL A 118 4.94 -2.18 -16.19
N GLU A 119 4.24 -3.24 -16.61
CA GLU A 119 3.70 -3.27 -17.97
C GLU A 119 2.76 -2.11 -18.26
N PRO A 120 1.79 -1.77 -17.40
CA PRO A 120 0.96 -0.59 -17.69
C PRO A 120 1.72 0.73 -17.61
N LEU A 121 2.74 0.82 -16.75
CA LEU A 121 3.56 2.04 -16.73
C LEU A 121 4.41 2.16 -17.99
N ILE A 122 4.79 1.02 -18.58
CA ILE A 122 5.50 1.04 -19.86
C ILE A 122 4.61 1.63 -20.94
N LYS A 123 3.31 1.34 -20.87
CA LYS A 123 2.37 1.96 -21.79
C LYS A 123 2.25 3.46 -21.54
N ALA A 124 2.22 3.86 -20.26
CA ALA A 124 2.18 5.27 -19.92
C ALA A 124 3.45 6.00 -20.32
N LEU A 125 4.53 5.26 -20.60
CA LEU A 125 5.74 5.86 -21.14
C LEU A 125 5.53 6.45 -22.54
N LYS A 126 4.39 6.17 -23.16
CA LYS A 126 4.03 6.74 -24.46
C LYS A 126 2.73 7.51 -24.39
N ASP A 127 2.45 8.12 -23.24
CA ASP A 127 1.23 8.90 -23.04
C ASP A 127 1.27 10.16 -23.90
N GLU A 128 0.08 10.64 -24.27
CA GLU A 128 -0.01 11.82 -25.12
C GLU A 128 0.52 13.07 -24.42
N ASP A 129 0.48 13.10 -23.09
CA ASP A 129 0.93 14.25 -22.32
C ASP A 129 2.38 14.06 -21.90
N TRP A 130 3.15 15.15 -21.97
CA TRP A 130 4.57 15.07 -21.63
C TRP A 130 4.78 14.82 -20.13
N PHE A 131 3.96 15.46 -19.28
CA PHE A 131 4.16 15.33 -17.85
C PHE A 131 3.71 13.97 -17.32
N VAL A 132 2.90 13.23 -18.08
CA VAL A 132 2.58 11.86 -17.69
C VAL A 132 3.73 10.93 -18.05
N ARG A 133 4.38 11.15 -19.20
CA ARG A 133 5.53 10.34 -19.57
C ARG A 133 6.66 10.50 -18.55
N ILE A 134 6.84 11.71 -18.03
CA ILE A 134 7.83 11.92 -16.96
C ILE A 134 7.46 11.11 -15.73
N ALA A 135 6.19 11.16 -15.33
CA ALA A 135 5.75 10.41 -14.16
C ALA A 135 5.86 8.91 -14.39
N ALA A 136 5.57 8.45 -15.60
CA ALA A 136 5.69 7.02 -15.90
C ALA A 136 7.14 6.58 -15.89
N ALA A 137 8.04 7.41 -16.43
CA ALA A 137 9.47 7.08 -16.40
C ALA A 137 9.99 7.05 -14.97
N PHE A 138 9.61 8.03 -14.15
CA PHE A 138 10.02 8.05 -12.76
C PHE A 138 9.58 6.79 -12.04
N ALA A 139 8.31 6.40 -12.22
CA ALA A 139 7.76 5.26 -11.50
C ALA A 139 8.52 3.98 -11.84
N LEU A 140 8.75 3.71 -13.13
CA LEU A 140 9.51 2.54 -13.53
C LEU A 140 10.93 2.58 -13.00
N GLY A 141 11.49 3.78 -12.82
CA GLY A 141 12.79 3.88 -12.18
C GLY A 141 12.76 3.48 -10.72
N GLU A 142 11.71 3.91 -10.00
CA GLU A 142 11.63 3.59 -8.58
C GLU A 142 11.28 2.13 -8.34
N ILE A 143 10.57 1.50 -9.27
CA ILE A 143 10.31 0.07 -9.14
C ILE A 143 11.57 -0.73 -9.41
N GLY A 144 12.42 -0.26 -10.32
CA GLY A 144 13.67 -0.92 -10.60
C GLY A 144 13.55 -2.22 -11.36
N ASP A 145 12.42 -2.45 -12.03
CA ASP A 145 12.25 -3.66 -12.82
C ASP A 145 12.96 -3.49 -14.16
N GLU A 146 13.72 -4.52 -14.54
CA GLU A 146 14.54 -4.45 -15.75
C GLU A 146 13.74 -4.52 -17.04
N ARG A 147 12.46 -4.89 -16.98
CA ARG A 147 11.65 -4.91 -18.18
C ARG A 147 11.46 -3.52 -18.78
N ALA A 148 11.67 -2.47 -17.98
CA ALA A 148 11.52 -1.10 -18.44
C ALA A 148 12.77 -0.55 -19.10
N VAL A 149 13.86 -1.32 -19.14
CA VAL A 149 15.16 -0.76 -19.54
C VAL A 149 15.12 -0.30 -21.00
N GLU A 150 14.62 -1.14 -21.90
CA GLU A 150 14.59 -0.79 -23.32
C GLU A 150 13.45 0.17 -23.66
N PRO A 151 12.27 0.06 -23.03
CA PRO A 151 11.29 1.16 -23.16
C PRO A 151 11.84 2.49 -22.69
N LEU A 152 12.65 2.49 -21.63
CA LEU A 152 13.29 3.72 -21.17
C LEU A 152 14.40 4.16 -22.12
N ILE A 153 15.12 3.20 -22.72
CA ILE A 153 16.17 3.54 -23.67
C ILE A 153 15.58 4.24 -24.88
N LYS A 154 14.50 3.68 -25.45
CA LYS A 154 13.84 4.34 -26.57
C LYS A 154 13.20 5.65 -26.13
N ALA A 155 12.84 5.78 -24.85
CA ALA A 155 12.33 7.04 -24.33
C ALA A 155 13.38 8.14 -24.33
N LEU A 156 14.67 7.79 -24.50
CA LEU A 156 15.71 8.80 -24.63
C LEU A 156 15.62 9.56 -25.95
N LYS A 157 14.81 9.11 -26.90
CA LYS A 157 14.59 9.81 -28.15
C LYS A 157 13.22 10.48 -28.20
N ASP A 158 12.54 10.58 -27.06
CA ASP A 158 11.25 11.26 -27.00
C ASP A 158 11.40 12.70 -27.48
N GLU A 159 10.33 13.21 -28.08
CA GLU A 159 10.37 14.57 -28.64
C GLU A 159 10.60 15.63 -27.57
N ASP A 160 10.27 15.33 -26.31
CA ASP A 160 10.37 16.30 -25.22
C ASP A 160 11.65 16.02 -24.42
N GLY A 161 12.50 17.04 -24.32
CA GLY A 161 13.77 16.87 -23.62
C GLY A 161 13.62 16.56 -22.14
N TRP A 162 12.57 17.08 -21.52
CA TRP A 162 12.35 16.80 -20.10
C TRP A 162 11.89 15.36 -19.89
N VAL A 163 11.22 14.77 -20.88
CA VAL A 163 10.92 13.34 -20.81
C VAL A 163 12.18 12.53 -21.06
N ARG A 164 13.01 12.94 -22.03
CA ARG A 164 14.30 12.28 -22.24
C ARG A 164 15.15 12.33 -20.97
N GLN A 165 15.15 13.48 -20.29
CA GLN A 165 15.93 13.62 -19.07
C GLN A 165 15.41 12.70 -17.97
N SER A 166 14.09 12.50 -17.91
CA SER A 166 13.52 11.66 -16.86
C SER A 166 13.86 10.19 -17.08
N ALA A 167 13.89 9.74 -18.34
CA ALA A 167 14.26 8.36 -18.63
C ALA A 167 15.74 8.12 -18.36
N ALA A 168 16.59 9.12 -18.58
CA ALA A 168 18.00 8.99 -18.25
C ALA A 168 18.19 8.76 -16.76
N ASP A 169 17.46 9.53 -15.94
CA ASP A 169 17.53 9.32 -14.49
C ASP A 169 16.89 8.00 -14.09
N ALA A 170 15.87 7.54 -14.82
CA ALA A 170 15.21 6.29 -14.47
C ALA A 170 16.08 5.08 -14.77
N LEU A 171 16.82 5.13 -15.88
CA LEU A 171 17.78 4.05 -16.16
C LEU A 171 18.94 4.07 -15.17
N GLY A 172 19.25 5.24 -14.59
CA GLY A 172 20.29 5.30 -13.59
C GLY A 172 19.88 4.66 -12.28
N GLU A 173 18.62 4.85 -11.87
CA GLU A 173 18.15 4.25 -10.63
C GLU A 173 18.10 2.72 -10.74
N ILE A 174 17.69 2.20 -11.89
CA ILE A 174 17.72 0.75 -12.09
C ILE A 174 19.15 0.24 -12.04
N GLY A 175 19.97 0.67 -12.99
CA GLY A 175 21.42 0.50 -12.88
C GLY A 175 21.89 -0.93 -12.84
N GLY A 176 21.16 -1.86 -13.45
CA GLY A 176 21.69 -3.20 -13.61
C GLY A 176 22.84 -3.23 -14.58
N GLU A 177 23.27 -4.45 -14.92
CA GLU A 177 24.17 -4.60 -16.04
C GLU A 177 23.44 -4.62 -17.37
N ARG A 178 22.11 -4.83 -17.35
CA ARG A 178 21.32 -4.69 -18.57
C ARG A 178 21.34 -3.25 -19.07
N VAL A 179 21.49 -2.28 -18.16
CA VAL A 179 21.59 -0.87 -18.56
C VAL A 179 23.02 -0.53 -18.96
N ARG A 180 24.00 -1.09 -18.27
CA ARG A 180 25.39 -0.93 -18.69
C ARG A 180 25.59 -1.51 -20.06
N ALA A 181 24.90 -2.63 -20.34
CA ALA A 181 24.89 -3.18 -21.68
C ALA A 181 24.31 -2.17 -22.67
N ALA A 182 23.10 -1.67 -22.38
CA ALA A 182 22.46 -0.73 -23.28
C ALA A 182 23.20 0.60 -23.34
N MET A 183 23.81 1.02 -22.24
CA MET A 183 24.60 2.25 -22.25
C MET A 183 25.82 2.09 -23.14
N GLU A 184 26.48 0.93 -23.08
CA GLU A 184 27.65 0.71 -23.92
C GLU A 184 27.27 0.69 -25.40
N LYS A 185 26.19 -0.03 -25.74
CA LYS A 185 25.74 -0.04 -27.12
C LYS A 185 25.33 1.35 -27.57
N LEU A 186 24.75 2.15 -26.68
CA LEU A 186 24.34 3.50 -27.04
C LEU A 186 25.54 4.41 -27.26
N ALA A 187 26.52 4.34 -26.36
CA ALA A 187 27.72 5.16 -26.50
C ALA A 187 28.57 4.75 -27.70
N GLU A 188 28.47 3.48 -28.13
CA GLU A 188 29.18 3.04 -29.33
C GLU A 188 28.45 3.46 -30.60
N THR A 189 27.14 3.69 -30.52
CA THR A 189 26.27 3.70 -31.68
C THR A 189 25.26 4.83 -31.73
N GLY A 190 24.80 5.38 -30.60
CA GLY A 190 23.68 6.29 -30.58
C GLY A 190 24.00 7.72 -31.02
N THR A 191 22.95 8.53 -31.06
CA THR A 191 22.98 9.92 -31.50
C THR A 191 22.33 10.80 -30.43
N GLY A 192 22.69 12.09 -30.45
CA GLY A 192 21.95 13.08 -29.69
C GLY A 192 22.04 12.88 -28.19
N PHE A 193 20.90 13.12 -27.52
CA PHE A 193 20.86 13.03 -26.06
C PHE A 193 21.18 11.62 -25.58
N ALA A 194 20.65 10.60 -26.27
CA ALA A 194 20.90 9.22 -25.87
C ALA A 194 22.39 8.91 -25.86
N ARG A 195 23.15 9.50 -26.79
CA ARG A 195 24.59 9.31 -26.79
C ARG A 195 25.24 10.06 -25.64
N LYS A 196 24.86 11.32 -25.46
CA LYS A 196 25.37 12.13 -24.34
C LYS A 196 25.15 11.43 -23.01
N VAL A 197 24.01 10.77 -22.85
CA VAL A 197 23.70 10.07 -21.61
C VAL A 197 24.62 8.87 -21.43
N ALA A 198 24.74 8.04 -22.47
CA ALA A 198 25.51 6.80 -22.34
C ALA A 198 26.99 7.08 -22.15
N VAL A 199 27.53 8.08 -22.87
CA VAL A 199 28.94 8.41 -22.74
C VAL A 199 29.24 8.89 -21.32
N ASN A 200 28.34 9.70 -20.75
CA ASN A 200 28.52 10.12 -19.37
C ASN A 200 28.33 8.96 -18.40
N TYR A 201 27.49 7.98 -18.76
CA TYR A 201 27.33 6.80 -17.92
C TYR A 201 28.64 6.04 -17.79
N LEU A 202 29.35 5.87 -18.91
CA LEU A 202 30.63 5.16 -18.87
C LEU A 202 31.71 5.96 -18.15
N GLU A 203 31.65 7.29 -18.22
CA GLU A 203 32.66 8.13 -17.59
C GLU A 203 32.51 8.23 -16.07
N THR A 204 31.41 7.76 -15.51
CA THR A 204 31.17 7.86 -14.07
C THR A 204 31.09 6.52 -13.37
N HIS A 205 31.10 5.40 -14.08
CA HIS A 205 30.97 4.09 -13.46
C HIS A 205 32.20 3.22 -13.73
N GLU A 222 21.65 -10.27 -5.79
CA GLU A 222 22.34 -9.07 -6.23
C GLU A 222 21.95 -7.87 -5.37
N LYS A 223 20.71 -7.41 -5.54
CA LYS A 223 20.23 -6.20 -4.89
C LYS A 223 19.57 -6.51 -3.55
N VAL A 224 18.87 -7.64 -3.45
CA VAL A 224 18.26 -8.02 -2.18
C VAL A 224 19.33 -8.23 -1.11
N GLU A 225 20.48 -8.78 -1.49
CA GLU A 225 21.54 -9.03 -0.53
C GLU A 225 22.12 -7.74 0.04
N MET A 226 22.12 -6.67 -0.76
CA MET A 226 22.59 -5.37 -0.27
C MET A 226 21.67 -4.83 0.82
N TYR A 227 20.36 -4.94 0.63
CA TYR A 227 19.41 -4.38 1.60
C TYR A 227 19.38 -5.20 2.89
N ILE A 228 19.58 -6.51 2.80
CA ILE A 228 19.65 -7.33 4.02
C ILE A 228 20.79 -6.88 4.90
N LYS A 229 21.96 -6.61 4.30
CA LYS A 229 23.06 -6.03 5.05
C LYS A 229 22.72 -4.64 5.54
N ASN A 230 21.99 -3.87 4.74
CA ASN A 230 21.55 -2.55 5.16
C ASN A 230 20.58 -2.61 6.34
N LEU A 231 19.96 -3.77 6.59
CA LEU A 231 19.10 -3.91 7.75
C LEU A 231 19.88 -3.78 9.05
N GLN A 232 21.17 -4.10 9.03
CA GLN A 232 22.02 -4.02 10.20
C GLN A 232 22.84 -2.73 10.24
N ASP A 233 22.45 -1.74 9.45
CA ASP A 233 23.20 -0.49 9.38
C ASP A 233 23.00 0.33 10.66
N ASP A 234 23.98 1.21 10.92
CA ASP A 234 23.91 2.05 12.10
C ASP A 234 22.91 3.19 11.92
N SER A 235 22.77 3.70 10.69
CA SER A 235 21.87 4.81 10.43
C SER A 235 20.43 4.31 10.33
N MET A 236 19.52 5.00 11.02
CA MET A 236 18.12 4.57 11.02
C MET A 236 17.47 4.64 9.64
N PRO A 237 17.60 5.74 8.87
CA PRO A 237 16.97 5.76 7.54
C PRO A 237 17.43 4.63 6.64
N VAL A 238 18.68 4.18 6.75
CA VAL A 238 19.16 3.06 5.93
C VAL A 238 18.42 1.79 6.31
N ARG A 239 18.27 1.53 7.61
CA ARG A 239 17.51 0.37 8.07
C ARG A 239 16.08 0.43 7.57
N TYR A 240 15.42 1.57 7.78
CA TYR A 240 14.05 1.76 7.32
C TYR A 240 13.93 1.49 5.82
N ASP A 241 14.77 2.17 5.02
CA ASP A 241 14.78 1.95 3.58
C ASP A 241 14.98 0.47 3.25
N ALA A 242 15.82 -0.21 4.02
CA ALA A 242 16.06 -1.63 3.77
C ALA A 242 14.81 -2.46 3.99
N ALA A 243 14.06 -2.20 5.06
CA ALA A 243 12.82 -2.93 5.29
C ALA A 243 11.75 -2.55 4.28
N ASP A 244 11.69 -1.27 3.91
CA ASP A 244 10.82 -0.84 2.83
C ASP A 244 11.15 -1.57 1.53
N ALA A 245 12.43 -1.71 1.23
CA ALA A 245 12.84 -2.31 -0.03
C ALA A 245 12.61 -3.81 -0.05
N LEU A 246 12.95 -4.51 1.04
CA LEU A 246 12.82 -5.96 1.04
C LEU A 246 11.36 -6.41 0.97
N GLY A 247 10.43 -5.60 1.47
CA GLY A 247 9.03 -5.97 1.41
C GLY A 247 8.45 -5.83 0.02
N LYS A 248 8.83 -4.77 -0.69
CA LYS A 248 8.35 -4.60 -2.07
C LYS A 248 8.96 -5.63 -3.00
N ILE A 249 10.23 -5.97 -2.78
CA ILE A 249 10.87 -7.01 -3.60
C ILE A 249 10.18 -8.36 -3.38
N GLY A 250 9.92 -8.70 -2.12
CA GLY A 250 9.13 -9.87 -1.82
C GLY A 250 9.86 -11.19 -1.80
N ASP A 251 11.19 -11.19 -1.74
CA ASP A 251 11.95 -12.43 -1.70
C ASP A 251 11.97 -12.98 -0.28
N GLU A 252 11.74 -14.29 -0.15
CA GLU A 252 11.59 -14.93 1.16
C GLU A 252 12.92 -15.11 1.88
N ARG A 253 14.05 -14.76 1.27
CA ARG A 253 15.32 -14.77 2.01
C ARG A 253 15.35 -13.65 3.04
N ALA A 254 14.66 -12.55 2.75
CA ALA A 254 14.57 -11.40 3.64
C ALA A 254 13.67 -11.63 4.82
N VAL A 255 13.15 -12.85 4.99
CA VAL A 255 12.19 -13.12 6.06
C VAL A 255 12.89 -13.16 7.41
N GLU A 256 13.87 -14.05 7.56
CA GLU A 256 14.61 -14.11 8.81
C GLU A 256 15.25 -12.78 9.17
N PRO A 257 15.95 -12.08 8.26
CA PRO A 257 16.51 -10.76 8.65
C PRO A 257 15.45 -9.76 9.08
N LEU A 258 14.29 -9.76 8.44
CA LEU A 258 13.22 -8.83 8.84
C LEU A 258 12.61 -9.22 10.18
N ILE A 259 12.59 -10.52 10.49
CA ILE A 259 12.12 -10.96 11.81
C ILE A 259 13.02 -10.39 12.89
N LYS A 260 14.32 -10.33 12.64
CA LYS A 260 15.24 -9.73 13.60
C LYS A 260 15.01 -8.23 13.69
N ALA A 261 14.66 -7.58 12.58
CA ALA A 261 14.33 -6.16 12.58
C ALA A 261 13.07 -5.86 13.38
N LEU A 262 12.25 -6.87 13.65
CA LEU A 262 11.07 -6.66 14.49
C LEU A 262 11.46 -6.24 15.91
N LYS A 263 12.69 -6.51 16.33
CA LYS A 263 13.23 -6.04 17.59
C LYS A 263 14.20 -4.87 17.39
N ASP A 264 13.95 -4.02 16.41
CA ASP A 264 14.83 -2.89 16.15
C ASP A 264 14.67 -1.81 17.21
N GLU A 265 15.73 -1.03 17.40
CA GLU A 265 15.70 0.05 18.38
C GLU A 265 14.64 1.10 18.03
N ASP A 266 14.47 1.40 16.73
CA ASP A 266 13.52 2.45 16.37
C ASP A 266 12.19 1.84 15.96
N PRO A 267 11.06 2.40 16.39
CA PRO A 267 9.75 1.80 16.05
C PRO A 267 9.31 2.00 14.61
N ASN A 268 9.93 2.91 13.86
CA ASN A 268 9.58 3.02 12.45
C ASN A 268 10.16 1.86 11.66
N VAL A 269 11.39 1.46 11.97
CA VAL A 269 11.95 0.26 11.36
C VAL A 269 11.17 -0.97 11.78
N ARG A 270 10.76 -1.02 13.05
CA ARG A 270 10.00 -2.15 13.57
C ARG A 270 8.72 -2.38 12.78
N ALA A 271 7.94 -1.32 12.59
CA ALA A 271 6.67 -1.44 11.87
C ALA A 271 6.89 -1.64 10.38
N SER A 272 8.00 -1.13 9.83
CA SER A 272 8.28 -1.33 8.42
C SER A 272 8.60 -2.78 8.12
N ALA A 273 9.44 -3.40 8.96
CA ALA A 273 9.73 -4.82 8.80
C ALA A 273 8.49 -5.67 9.04
N ALA A 274 7.55 -5.18 9.85
CA ALA A 274 6.31 -5.92 10.06
C ALA A 274 5.45 -5.90 8.81
N ASP A 275 5.28 -4.72 8.21
CA ASP A 275 4.55 -4.63 6.94
C ASP A 275 5.25 -5.44 5.86
N ALA A 276 6.58 -5.36 5.79
CA ALA A 276 7.32 -6.13 4.80
C ALA A 276 7.07 -7.62 4.95
N LEU A 277 7.06 -8.12 6.19
CA LEU A 277 6.78 -9.54 6.40
C LEU A 277 5.36 -9.91 5.98
N GLY A 278 4.42 -8.97 6.07
CA GLY A 278 3.07 -9.26 5.62
C GLY A 278 2.96 -9.36 4.11
N LYS A 279 3.64 -8.46 3.39
CA LYS A 279 3.70 -8.56 1.94
C LYS A 279 4.38 -9.85 1.50
N ILE A 280 5.51 -10.19 2.14
CA ILE A 280 6.21 -11.43 1.81
C ILE A 280 5.28 -12.63 1.99
N GLY A 281 4.46 -12.60 3.04
CA GLY A 281 3.52 -13.67 3.27
C GLY A 281 4.11 -14.94 3.83
N ASP A 282 5.39 -14.94 4.20
CA ASP A 282 6.02 -16.16 4.70
C ASP A 282 5.54 -16.45 6.11
N GLU A 283 5.03 -17.67 6.31
CA GLU A 283 4.48 -18.11 7.57
C GLU A 283 5.52 -18.29 8.67
N ARG A 284 6.79 -17.98 8.40
CA ARG A 284 7.80 -18.05 9.47
C ARG A 284 7.69 -16.88 10.42
N ALA A 285 7.17 -15.75 9.95
CA ALA A 285 7.06 -14.55 10.75
C ALA A 285 5.82 -14.54 11.64
N VAL A 286 5.02 -15.60 11.64
CA VAL A 286 3.75 -15.59 12.37
C VAL A 286 4.00 -15.44 13.87
N GLU A 287 4.89 -16.28 14.43
CA GLU A 287 5.14 -16.21 15.87
C GLU A 287 5.83 -14.90 16.26
N PRO A 288 6.88 -14.44 15.59
CA PRO A 288 7.47 -13.14 15.99
C PRO A 288 6.53 -11.96 15.74
N LEU A 289 5.60 -12.07 14.80
CA LEU A 289 4.64 -10.99 14.60
C LEU A 289 3.64 -10.93 15.75
N ILE A 290 3.27 -12.09 16.30
CA ILE A 290 2.38 -12.12 17.46
C ILE A 290 3.05 -11.47 18.66
N LYS A 291 4.37 -11.58 18.76
CA LYS A 291 5.10 -10.83 19.78
C LYS A 291 5.07 -9.33 19.48
N ALA A 292 5.04 -8.95 18.20
CA ALA A 292 4.94 -7.54 17.84
C ALA A 292 3.58 -6.96 18.18
N LEU A 293 2.56 -7.81 18.37
CA LEU A 293 1.26 -7.35 18.82
C LEU A 293 1.28 -6.79 20.24
N LYS A 294 2.40 -6.94 20.95
CA LYS A 294 2.55 -6.43 22.31
C LYS A 294 3.65 -5.38 22.39
N ASP A 295 3.87 -4.64 21.31
CA ASP A 295 4.94 -3.66 21.25
C ASP A 295 4.53 -2.37 21.97
N GLU A 296 5.54 -1.60 22.38
CA GLU A 296 5.28 -0.30 22.97
C GLU A 296 4.56 0.61 21.99
N ASP A 297 5.07 0.70 20.76
CA ASP A 297 4.51 1.60 19.77
C ASP A 297 3.20 1.05 19.22
N GLY A 298 2.19 1.91 19.14
CA GLY A 298 0.90 1.50 18.62
C GLY A 298 0.93 1.22 17.12
N TYR A 299 1.74 1.98 16.38
CA TYR A 299 1.85 1.75 14.94
C TYR A 299 2.53 0.42 14.64
N VAL A 300 3.43 -0.03 15.51
CA VAL A 300 4.04 -1.34 15.32
C VAL A 300 3.01 -2.45 15.51
N ARG A 301 2.18 -2.33 16.56
CA ARG A 301 1.09 -3.28 16.75
C ARG A 301 0.07 -3.18 15.63
N PHE A 302 -0.23 -1.96 15.18
CA PHE A 302 -1.12 -1.77 14.04
C PHE A 302 -0.60 -2.48 12.81
N SER A 303 0.71 -2.37 12.54
CA SER A 303 1.29 -3.01 11.37
C SER A 303 1.40 -4.52 11.56
N ALA A 304 1.64 -4.97 12.79
CA ALA A 304 1.72 -6.41 13.04
C ALA A 304 0.38 -7.09 12.81
N ALA A 305 -0.72 -6.43 13.20
CA ALA A 305 -2.04 -7.03 13.03
C ALA A 305 -2.38 -7.18 11.56
N LEU A 306 -2.19 -6.11 10.77
CA LEU A 306 -2.49 -6.18 9.35
C LEU A 306 -1.65 -7.24 8.65
N ALA A 307 -0.39 -7.40 9.08
CA ALA A 307 0.48 -8.40 8.46
C ALA A 307 0.02 -9.81 8.76
N LEU A 308 -0.50 -10.04 9.98
CA LEU A 308 -0.99 -11.36 10.34
C LEU A 308 -2.28 -11.71 9.61
N GLY A 309 -3.08 -10.71 9.24
CA GLY A 309 -4.23 -10.97 8.38
C GLY A 309 -3.85 -11.28 6.96
N LYS A 310 -2.75 -10.69 6.47
CA LYS A 310 -2.25 -11.03 5.14
C LYS A 310 -1.75 -12.46 5.09
N ILE A 311 -1.06 -12.90 6.15
CA ILE A 311 -0.52 -14.25 6.18
C ILE A 311 -1.62 -15.27 6.37
N GLY A 312 -2.67 -14.93 7.12
CA GLY A 312 -3.83 -15.77 7.23
C GLY A 312 -3.70 -16.99 8.11
N ASP A 313 -2.68 -17.03 8.97
CA ASP A 313 -2.50 -18.15 9.88
C ASP A 313 -3.50 -18.04 11.03
N GLU A 314 -4.17 -19.14 11.35
CA GLU A 314 -5.21 -19.10 12.38
C GLU A 314 -4.64 -18.89 13.77
N ARG A 315 -3.33 -19.12 13.97
CA ARG A 315 -2.73 -18.84 15.26
C ARG A 315 -2.79 -17.37 15.64
N ALA A 316 -3.11 -16.49 14.68
CA ALA A 316 -3.26 -15.07 14.98
C ALA A 316 -4.63 -14.73 15.54
N VAL A 317 -5.61 -15.63 15.41
CA VAL A 317 -6.99 -15.31 15.78
C VAL A 317 -7.07 -14.97 17.27
N GLU A 318 -6.51 -15.83 18.13
CA GLU A 318 -6.56 -15.57 19.56
C GLU A 318 -5.84 -14.28 19.95
N PRO A 319 -4.61 -14.01 19.52
CA PRO A 319 -4.00 -12.71 19.88
C PRO A 319 -4.71 -11.52 19.28
N LEU A 320 -5.20 -11.63 18.03
CA LEU A 320 -5.94 -10.52 17.42
C LEU A 320 -7.25 -10.26 18.13
N ILE A 321 -7.86 -11.29 18.72
CA ILE A 321 -9.13 -11.11 19.41
C ILE A 321 -8.93 -10.25 20.66
N LYS A 322 -7.88 -10.53 21.43
CA LYS A 322 -7.56 -9.71 22.58
C LYS A 322 -6.97 -8.36 22.20
N ALA A 323 -6.60 -8.18 20.93
CA ALA A 323 -6.17 -6.87 20.44
C ALA A 323 -7.34 -5.95 20.12
N LEU A 324 -8.56 -6.49 20.08
CA LEU A 324 -9.75 -5.67 19.91
C LEU A 324 -10.02 -4.78 21.12
N LYS A 325 -9.33 -5.01 22.23
CA LYS A 325 -9.47 -4.23 23.46
C LYS A 325 -8.26 -3.36 23.72
N ASP A 326 -7.66 -2.83 22.66
CA ASP A 326 -6.41 -2.10 22.78
C ASP A 326 -6.65 -0.64 23.11
N GLU A 327 -5.64 -0.01 23.74
CA GLU A 327 -5.70 1.41 24.05
C GLU A 327 -5.90 2.24 22.79
N ASP A 328 -5.39 1.77 21.66
CA ASP A 328 -5.27 2.56 20.44
C ASP A 328 -6.40 2.19 19.47
N SER A 329 -7.16 3.20 19.04
CA SER A 329 -8.28 2.95 18.13
C SER A 329 -7.82 2.46 16.76
N ARG A 330 -6.58 2.75 16.36
CA ARG A 330 -6.06 2.18 15.12
C ARG A 330 -5.81 0.69 15.29
N VAL A 331 -5.18 0.29 16.38
CA VAL A 331 -4.88 -1.12 16.63
C VAL A 331 -6.18 -1.92 16.75
N ARG A 332 -7.20 -1.34 17.39
CA ARG A 332 -8.51 -1.99 17.43
C ARG A 332 -9.08 -2.17 16.03
N TRP A 333 -8.80 -1.23 15.13
CA TRP A 333 -9.30 -1.34 13.77
C TRP A 333 -8.55 -2.42 12.99
N SER A 334 -7.22 -2.45 13.12
CA SER A 334 -6.44 -3.49 12.44
C SER A 334 -6.71 -4.88 13.02
N ALA A 335 -7.17 -4.96 14.27
CA ALA A 335 -7.54 -6.26 14.82
C ALA A 335 -8.77 -6.81 14.12
N ALA A 336 -9.78 -5.96 13.91
CA ALA A 336 -11.00 -6.42 13.25
C ALA A 336 -10.75 -6.75 11.78
N TYR A 337 -10.02 -5.88 11.08
CA TYR A 337 -9.77 -6.12 9.66
C TYR A 337 -8.99 -7.41 9.44
N ALA A 338 -7.97 -7.66 10.26
CA ALA A 338 -7.20 -8.88 10.13
C ALA A 338 -8.05 -10.11 10.43
N LEU A 339 -8.90 -10.03 11.46
CA LEU A 339 -9.84 -11.11 11.72
C LEU A 339 -10.81 -11.32 10.58
N GLY A 340 -11.09 -10.26 9.80
CA GLY A 340 -11.88 -10.44 8.60
C GLY A 340 -11.11 -11.15 7.49
N GLN A 341 -9.83 -10.84 7.36
CA GLN A 341 -9.00 -11.52 6.36
C GLN A 341 -8.85 -13.00 6.68
N ILE A 342 -8.67 -13.34 7.96
CA ILE A 342 -8.44 -14.73 8.33
C ILE A 342 -9.71 -15.55 8.16
N GLY A 343 -10.86 -15.01 8.58
CA GLY A 343 -12.12 -15.70 8.38
C GLY A 343 -12.38 -16.84 9.34
N ASP A 344 -11.91 -16.74 10.58
CA ASP A 344 -12.12 -17.76 11.59
C ASP A 344 -13.35 -17.41 12.41
N GLU A 345 -14.23 -18.39 12.61
CA GLU A 345 -15.48 -18.15 13.32
C GLU A 345 -15.31 -17.90 14.81
N ARG A 346 -14.09 -18.05 15.34
CA ARG A 346 -13.87 -17.77 16.76
C ARG A 346 -13.93 -16.30 17.10
N ALA A 347 -13.92 -15.41 16.10
CA ALA A 347 -13.97 -13.98 16.32
C ALA A 347 -15.37 -13.39 16.16
N VAL A 348 -16.38 -14.24 15.92
CA VAL A 348 -17.73 -13.74 15.64
C VAL A 348 -18.23 -12.87 16.80
N GLU A 349 -18.30 -13.45 18.00
CA GLU A 349 -18.80 -12.73 19.16
C GLU A 349 -17.87 -11.61 19.62
N PRO A 350 -16.54 -11.77 19.56
CA PRO A 350 -15.67 -10.61 19.80
C PRO A 350 -15.94 -9.45 18.86
N LEU A 351 -16.37 -9.72 17.62
CA LEU A 351 -16.71 -8.64 16.70
C LEU A 351 -18.08 -8.06 16.99
N ILE A 352 -19.03 -8.92 17.40
CA ILE A 352 -20.31 -8.41 17.89
C ILE A 352 -20.08 -7.45 19.05
N LYS A 353 -19.18 -7.83 19.96
CA LYS A 353 -18.77 -6.90 21.00
C LYS A 353 -18.19 -5.64 20.40
N ALA A 354 -17.34 -5.78 19.37
CA ALA A 354 -16.69 -4.62 18.75
C ALA A 354 -17.65 -3.71 18.00
N LEU A 355 -18.89 -4.15 17.74
CA LEU A 355 -19.88 -3.29 17.12
C LEU A 355 -20.32 -2.16 18.03
N LYS A 356 -19.88 -2.14 19.29
CA LYS A 356 -20.21 -1.08 20.23
C LYS A 356 -18.96 -0.33 20.70
N ASP A 357 -17.94 -0.27 19.84
CA ASP A 357 -16.73 0.48 20.16
C ASP A 357 -17.02 1.97 20.15
N GLU A 358 -16.25 2.71 20.95
CA GLU A 358 -16.39 4.17 20.96
C GLU A 358 -15.96 4.77 19.62
N ASP A 359 -14.85 4.28 19.07
CA ASP A 359 -14.36 4.76 17.78
C ASP A 359 -15.29 4.30 16.66
N TRP A 360 -15.64 5.22 15.76
CA TRP A 360 -16.62 4.92 14.72
C TRP A 360 -16.15 3.78 13.82
N GLN A 361 -15.02 3.96 13.14
CA GLN A 361 -14.61 3.01 12.12
C GLN A 361 -14.07 1.71 12.71
N VAL A 362 -13.87 1.62 14.03
CA VAL A 362 -13.64 0.30 14.62
C VAL A 362 -14.91 -0.53 14.53
N ARG A 363 -16.07 0.08 14.77
CA ARG A 363 -17.34 -0.61 14.55
C ARG A 363 -17.57 -0.89 13.08
N LYS A 364 -17.23 0.07 12.20
CA LYS A 364 -17.36 -0.14 10.77
C LYS A 364 -16.51 -1.32 10.32
N ALA A 365 -15.29 -1.44 10.85
CA ALA A 365 -14.45 -2.57 10.49
C ALA A 365 -15.01 -3.88 11.03
N ALA A 366 -15.57 -3.85 12.24
CA ALA A 366 -16.15 -5.06 12.83
C ALA A 366 -17.34 -5.55 12.02
N ALA A 367 -18.16 -4.62 11.50
CA ALA A 367 -19.26 -5.02 10.64
C ALA A 367 -18.75 -5.62 9.34
N VAL A 368 -17.68 -5.06 8.79
CA VAL A 368 -17.06 -5.64 7.59
C VAL A 368 -16.55 -7.04 7.90
N ALA A 369 -15.93 -7.22 9.06
CA ALA A 369 -15.34 -8.51 9.41
C ALA A 369 -16.39 -9.59 9.56
N LEU A 370 -17.52 -9.28 10.19
CA LEU A 370 -18.61 -10.26 10.30
C LEU A 370 -19.20 -10.57 8.94
N GLY A 371 -19.16 -9.62 8.00
CA GLY A 371 -19.61 -9.90 6.66
C GLY A 371 -18.69 -10.85 5.91
N LYS A 372 -17.38 -10.69 6.10
CA LYS A 372 -16.42 -11.60 5.49
C LYS A 372 -16.59 -13.02 6.04
N ILE A 373 -16.62 -13.16 7.36
CA ILE A 373 -16.76 -14.48 7.98
C ILE A 373 -18.09 -15.12 7.56
N GLY A 374 -19.20 -14.46 7.88
CA GLY A 374 -20.49 -14.81 7.31
C GLY A 374 -20.96 -16.22 7.54
N GLY A 375 -20.46 -16.90 8.56
CA GLY A 375 -20.90 -18.25 8.84
C GLY A 375 -22.34 -18.30 9.29
N GLU A 376 -22.84 -19.53 9.47
CA GLU A 376 -24.17 -19.71 10.03
C GLU A 376 -24.23 -19.14 11.45
N ARG A 377 -23.09 -19.09 12.15
CA ARG A 377 -23.05 -18.44 13.45
C ARG A 377 -23.32 -16.95 13.33
N VAL A 378 -22.76 -16.30 12.31
CA VAL A 378 -22.95 -14.86 12.12
C VAL A 378 -24.42 -14.55 11.86
N ARG A 379 -25.08 -15.38 11.04
CA ARG A 379 -26.50 -15.19 10.78
C ARG A 379 -27.31 -15.21 12.07
N ALA A 380 -27.08 -16.23 12.90
CA ALA A 380 -27.84 -16.34 14.15
C ALA A 380 -27.53 -15.20 15.10
N ALA A 381 -26.27 -14.74 15.11
CA ALA A 381 -25.89 -13.67 16.02
C ALA A 381 -26.55 -12.36 15.64
N MET A 382 -26.67 -12.08 14.33
CA MET A 382 -27.19 -10.79 13.89
C MET A 382 -28.71 -10.72 13.95
N GLU A 383 -29.43 -11.84 13.89
CA GLU A 383 -30.87 -11.77 14.08
C GLU A 383 -31.23 -11.57 15.54
N LYS A 384 -30.41 -12.08 16.46
CA LYS A 384 -30.52 -11.68 17.86
C LYS A 384 -30.23 -10.19 18.00
N LEU A 385 -29.20 -9.71 17.31
CA LEU A 385 -28.85 -8.29 17.38
C LEU A 385 -29.88 -7.43 16.66
N ALA A 386 -30.56 -7.97 15.66
CA ALA A 386 -31.57 -7.19 14.95
C ALA A 386 -32.73 -6.83 15.86
N GLU A 387 -33.14 -7.75 16.72
CA GLU A 387 -34.27 -7.51 17.61
C GLU A 387 -33.87 -6.93 18.96
N THR A 388 -32.68 -7.24 19.45
CA THR A 388 -32.25 -6.78 20.77
C THR A 388 -31.22 -5.66 20.72
N GLY A 389 -30.70 -5.33 19.55
CA GLY A 389 -29.62 -4.36 19.46
C GLY A 389 -30.09 -2.93 19.71
N THR A 390 -29.13 -2.01 19.63
CA THR A 390 -29.41 -0.60 19.82
C THR A 390 -28.49 0.22 18.90
N GLY A 391 -29.09 1.13 18.15
CA GLY A 391 -28.36 2.05 17.30
C GLY A 391 -27.54 1.40 16.19
N PHE A 392 -26.22 1.64 16.22
CA PHE A 392 -25.36 1.21 15.13
C PHE A 392 -25.30 -0.30 15.02
N ALA A 393 -25.11 -0.99 16.16
CA ALA A 393 -25.08 -2.45 16.14
C ALA A 393 -26.39 -3.01 15.62
N ARG A 394 -27.52 -2.43 16.05
CA ARG A 394 -28.82 -2.81 15.50
C ARG A 394 -28.90 -2.48 14.02
N LYS A 395 -28.40 -1.31 13.63
CA LYS A 395 -28.50 -0.87 12.23
C LYS A 395 -27.81 -1.84 11.29
N VAL A 396 -26.61 -2.30 11.66
CA VAL A 396 -25.87 -3.20 10.78
C VAL A 396 -26.36 -4.64 10.89
N ALA A 397 -27.01 -5.00 12.00
CA ALA A 397 -27.62 -6.32 12.09
C ALA A 397 -28.79 -6.47 11.13
N VAL A 398 -29.64 -5.45 11.05
CA VAL A 398 -30.72 -5.43 10.08
C VAL A 398 -30.15 -5.43 8.66
N ASN A 399 -29.13 -4.61 8.43
CA ASN A 399 -28.49 -4.54 7.12
C ASN A 399 -28.01 -5.91 6.68
N TYR A 400 -27.22 -6.60 7.53
CA TYR A 400 -26.69 -7.90 7.17
C TYR A 400 -27.79 -8.86 6.77
N LEU A 401 -28.90 -8.87 7.52
CA LEU A 401 -30.01 -9.75 7.18
C LEU A 401 -30.67 -9.33 5.87
N GLU A 402 -30.65 -8.04 5.55
CA GLU A 402 -31.22 -7.58 4.28
C GLU A 402 -30.39 -8.10 3.11
N THR A 403 -29.06 -8.00 3.20
CA THR A 403 -28.20 -8.36 2.08
C THR A 403 -28.21 -9.86 1.83
N HIS A 404 -28.15 -10.67 2.89
CA HIS A 404 -28.00 -12.11 2.77
C HIS A 404 -29.32 -12.83 2.48
N LYS A 405 -30.34 -12.12 2.02
CA LYS A 405 -31.61 -12.70 1.64
C LYS A 405 -31.73 -12.74 0.12
N SER A 406 -32.42 -13.76 -0.38
CA SER A 406 -32.70 -13.86 -1.81
C SER A 406 -33.99 -14.64 -2.06
#